data_6EMY
#
_entry.id   6EMY
#
_cell.length_a   77.230
_cell.length_b   121.681
_cell.length_c   77.234
_cell.angle_alpha   90.00
_cell.angle_beta   118.12
_cell.angle_gamma   90.00
#
_symmetry.space_group_name_H-M   'P 1 21 1'
#
loop_
_entity.id
_entity.type
_entity.pdbx_description
1 polymer 'Int protein'
2 polymer 'DNA (20-MER)'
3 polymer 'DNA (26-MER)'
4 water water
#
loop_
_entity_poly.entity_id
_entity_poly.type
_entity_poly.pdbx_seq_one_letter_code
_entity_poly.pdbx_strand_id
1 'polypeptide(L)'
;SMTVCQLYAKQIRHRGNVKHNTKLGRERLMRILEQDRLGSCPIDSVKLSDAKEWALRMKEKGLSYKTINNDKRSLKAAFY
TAIQDDCIRKNPFDFQLSDVLDDDTEPKVPLTPAQEESFLSFIQGDKVYQKHYDAIVILLGTGLRISELCGLTDKDLDFE
NRVIIVSHQLLRNTGVGYYIDEPKTQSGVRKIPMNEEVYQAFQRVIKNRKGAKPFIIDGYANFLFLKQNGYPMTAVDYGG
MFGRLVKKYNKSHEEALPKTTTPHAMRHTFCTRLANAGMNPKALQYIMGHSNITMTLNFYAHATFDSARAEMERLAA
;
A,B
2 'polydeoxyribonucleotide' (DC)(DT)(DA)(DA)(DA)(DA)(DT)(DC)(DC)(DC)(DA)(DT)(DA)(DT)(DA)(DA)(DT)(DT)(DT)(DT) C,E
3 'polydeoxyribonucleotide'
;(DA)(DT)(DT)(DT)(DT)(DC)(DA)(DA)(DA)(DA)(DT)(DT)(DA)(DT)(DA)(DT)(DG)(DG)(DG)(DA)
(DT)(DT)(DT)(DT)(DA)(DG)
;
F,D
#
# COMPACT_ATOMS: atom_id res chain seq x y z
N MET A 2 -23.00 26.98 -14.05
CA MET A 2 -21.86 27.89 -13.92
C MET A 2 -21.83 28.50 -12.53
N THR A 3 -22.13 27.68 -11.53
CA THR A 3 -22.05 28.08 -10.14
C THR A 3 -21.47 26.91 -9.36
N VAL A 4 -20.66 27.19 -8.36
CA VAL A 4 -20.06 26.15 -7.54
C VAL A 4 -21.12 25.21 -6.97
N CYS A 5 -22.17 25.78 -6.38
CA CYS A 5 -23.31 25.00 -5.92
C CYS A 5 -23.86 24.16 -7.06
N GLN A 6 -24.20 24.84 -8.16
CA GLN A 6 -24.75 24.17 -9.33
C GLN A 6 -23.81 23.09 -9.84
N LEU A 7 -22.51 23.32 -9.72
CA LEU A 7 -21.53 22.35 -10.21
C LEU A 7 -21.49 21.11 -9.34
N TYR A 8 -21.45 21.31 -8.03
CA TYR A 8 -21.47 20.19 -7.10
C TYR A 8 -22.77 19.43 -7.22
N ALA A 9 -23.87 20.16 -7.40
CA ALA A 9 -25.16 19.55 -7.63
C ALA A 9 -25.12 18.74 -8.92
N LYS A 10 -24.38 19.25 -9.90
CA LYS A 10 -24.24 18.58 -11.19
C LYS A 10 -23.45 17.29 -11.04
N GLN A 11 -22.35 17.38 -10.30
CA GLN A 11 -21.47 16.24 -10.08
C GLN A 11 -22.20 15.10 -9.38
N ILE A 12 -22.82 15.39 -8.25
CA ILE A 12 -23.47 14.35 -7.45
C ILE A 12 -24.72 13.80 -8.13
N ARG A 13 -25.24 14.53 -9.11
CA ARG A 13 -26.36 14.04 -9.90
C ARG A 13 -25.90 12.95 -10.86
N HIS A 14 -24.77 13.19 -11.51
CA HIS A 14 -24.24 12.28 -12.53
C HIS A 14 -23.61 11.04 -11.91
N ARG A 15 -23.60 10.99 -10.59
CA ARG A 15 -23.05 9.86 -9.85
C ARG A 15 -24.00 9.47 -8.72
N GLY A 16 -25.09 8.78 -9.06
CA GLY A 16 -26.12 8.45 -8.10
C GLY A 16 -26.00 7.10 -7.41
N ASN A 17 -25.19 6.21 -7.96
CA ASN A 17 -25.03 4.87 -7.39
C ASN A 17 -24.25 4.90 -6.08
N VAL A 18 -24.84 5.53 -5.06
CA VAL A 18 -24.20 5.68 -3.75
C VAL A 18 -25.14 5.26 -2.62
N LYS A 19 -24.57 4.83 -1.50
CA LYS A 19 -25.37 4.44 -0.35
C LYS A 19 -25.99 5.65 0.34
N HIS A 20 -26.69 5.42 1.44
CA HIS A 20 -27.48 6.46 2.05
C HIS A 20 -26.62 7.48 2.78
N ASN A 21 -25.64 6.99 3.53
CA ASN A 21 -24.73 7.84 4.27
C ASN A 21 -23.99 8.81 3.36
N THR A 22 -23.72 8.37 2.13
CA THR A 22 -23.00 9.19 1.17
C THR A 22 -23.80 10.39 0.71
N LYS A 23 -25.06 10.17 0.35
CA LYS A 23 -25.91 11.27 -0.09
C LYS A 23 -26.22 12.20 1.07
N LEU A 24 -26.12 11.69 2.29
CA LEU A 24 -26.19 12.52 3.49
C LEU A 24 -24.98 13.44 3.58
N GLY A 25 -23.80 12.86 3.39
CA GLY A 25 -22.56 13.62 3.39
C GLY A 25 -22.49 14.62 2.27
N ARG A 26 -23.11 14.30 1.14
CA ARG A 26 -23.14 15.20 -0.01
C ARG A 26 -23.98 16.44 0.29
N GLU A 27 -25.13 16.24 0.94
CA GLU A 27 -26.02 17.35 1.23
C GLU A 27 -25.42 18.26 2.30
N ARG A 28 -24.67 17.65 3.21
CA ARG A 28 -23.98 18.40 4.25
C ARG A 28 -23.01 19.38 3.63
N LEU A 29 -22.24 18.92 2.65
CA LEU A 29 -21.32 19.78 1.91
C LEU A 29 -22.08 20.77 1.05
N MET A 30 -23.21 20.34 0.52
CA MET A 30 -24.05 21.20 -0.31
C MET A 30 -24.53 22.38 0.50
N ARG A 31 -24.78 22.14 1.78
CA ARG A 31 -25.22 23.21 2.67
C ARG A 31 -24.11 24.23 2.85
N ILE A 32 -22.88 23.76 2.95
CA ILE A 32 -21.71 24.63 3.07
C ILE A 32 -21.59 25.58 1.89
N LEU A 33 -21.68 25.03 0.68
CA LEU A 33 -21.57 25.83 -0.53
C LEU A 33 -22.66 26.89 -0.62
N GLU A 34 -23.85 26.56 -0.12
CA GLU A 34 -24.93 27.52 -0.08
C GLU A 34 -24.63 28.62 0.93
N GLN A 35 -24.02 28.24 2.04
CA GLN A 35 -23.74 29.17 3.13
C GLN A 35 -22.45 29.94 2.96
N ASP A 36 -21.38 29.25 2.54
CA ASP A 36 -20.08 29.90 2.40
C ASP A 36 -20.04 30.80 1.17
N ARG A 37 -19.14 31.78 1.22
CA ARG A 37 -19.01 32.77 0.16
C ARG A 37 -18.63 32.13 -1.18
N LEU A 38 -17.93 31.01 -1.12
CA LEU A 38 -17.35 30.39 -2.30
C LEU A 38 -18.41 29.92 -3.28
N GLY A 39 -19.45 29.29 -2.74
CA GLY A 39 -20.50 28.66 -3.54
C GLY A 39 -21.12 29.54 -4.60
N SER A 40 -21.20 30.85 -4.33
CA SER A 40 -21.79 31.79 -5.28
C SER A 40 -20.90 32.03 -6.50
N CYS A 41 -19.60 31.80 -6.35
CA CYS A 41 -18.64 32.12 -7.42
C CYS A 41 -18.85 31.30 -8.68
N PRO A 42 -19.02 31.98 -9.82
CA PRO A 42 -19.02 31.31 -11.13
C PRO A 42 -17.69 30.62 -11.34
N ILE A 43 -17.74 29.39 -11.83
CA ILE A 43 -16.53 28.59 -12.01
C ILE A 43 -15.59 29.17 -13.07
N ASP A 44 -16.11 30.12 -13.85
CA ASP A 44 -15.30 30.85 -14.80
C ASP A 44 -14.21 31.65 -14.09
N SER A 45 -14.54 32.17 -12.90
CA SER A 45 -13.65 33.07 -12.17
C SER A 45 -13.17 32.52 -10.84
N VAL A 46 -12.93 31.22 -10.78
CA VAL A 46 -12.44 30.60 -9.55
C VAL A 46 -10.94 30.33 -9.65
N LYS A 47 -10.18 30.79 -8.67
CA LYS A 47 -8.73 30.62 -8.69
C LYS A 47 -8.25 29.73 -7.55
N LEU A 48 -6.98 29.29 -7.64
CA LEU A 48 -6.34 28.55 -6.57
C LEU A 48 -6.39 29.34 -5.27
N SER A 49 -6.39 30.65 -5.40
CA SER A 49 -6.52 31.55 -4.26
C SER A 49 -7.89 31.38 -3.62
N ASP A 50 -8.94 31.39 -4.45
CA ASP A 50 -10.31 31.31 -3.97
C ASP A 50 -10.59 30.00 -3.23
N ALA A 51 -9.98 28.93 -3.71
CA ALA A 51 -10.11 27.62 -3.10
C ALA A 51 -9.47 27.57 -1.72
N LYS A 52 -8.27 28.14 -1.62
CA LYS A 52 -7.53 28.13 -0.37
C LYS A 52 -8.15 29.06 0.67
N GLU A 53 -8.86 30.09 0.21
CA GLU A 53 -9.59 30.98 1.10
C GLU A 53 -10.69 30.18 1.78
N TRP A 54 -11.46 29.49 0.97
CA TRP A 54 -12.54 28.63 1.40
C TRP A 54 -12.10 27.72 2.54
N ALA A 55 -10.96 27.07 2.36
CA ALA A 55 -10.44 26.14 3.36
C ALA A 55 -10.10 26.85 4.67
N LEU A 56 -9.64 28.08 4.56
CA LEU A 56 -9.30 28.88 5.73
C LEU A 56 -10.54 29.21 6.52
N ARG A 57 -11.61 29.52 5.79
CA ARG A 57 -12.89 29.79 6.42
C ARG A 57 -13.44 28.54 7.09
N MET A 58 -13.16 27.38 6.51
CA MET A 58 -13.61 26.11 7.06
C MET A 58 -12.90 25.79 8.36
N LYS A 59 -11.67 26.29 8.50
CA LYS A 59 -10.91 26.03 9.71
C LYS A 59 -11.46 26.88 10.86
N GLU A 60 -11.65 28.16 10.58
CA GLU A 60 -12.17 29.10 11.57
C GLU A 60 -13.59 28.74 12.00
N LYS A 61 -14.32 28.08 11.09
CA LYS A 61 -15.67 27.61 11.35
C LYS A 61 -15.69 26.57 12.48
N GLY A 62 -14.61 25.81 12.60
CA GLY A 62 -14.49 24.80 13.64
C GLY A 62 -14.31 23.41 13.08
N LEU A 63 -14.31 23.32 11.75
CA LEU A 63 -14.20 22.04 11.08
C LEU A 63 -12.79 21.48 11.15
N SER A 64 -12.69 20.17 11.33
CA SER A 64 -11.40 19.50 11.41
C SER A 64 -10.70 19.45 10.05
N TYR A 65 -9.41 19.17 10.07
CA TYR A 65 -8.62 19.07 8.85
C TYR A 65 -9.21 18.02 7.92
N LYS A 66 -9.49 16.85 8.48
CA LYS A 66 -10.00 15.73 7.72
C LYS A 66 -11.32 16.05 7.04
N THR A 67 -12.19 16.77 7.73
CA THR A 67 -13.45 17.20 7.14
C THR A 67 -13.18 18.12 5.95
N ILE A 68 -12.28 19.07 6.15
CA ILE A 68 -11.92 20.02 5.11
C ILE A 68 -11.24 19.32 3.94
N ASN A 69 -10.40 18.35 4.26
CA ASN A 69 -9.62 17.65 3.25
C ASN A 69 -10.50 16.76 2.38
N ASN A 70 -11.45 16.09 3.01
CA ASN A 70 -12.37 15.22 2.30
C ASN A 70 -13.35 16.01 1.45
N ASP A 71 -13.78 17.16 1.96
CA ASP A 71 -14.68 18.03 1.23
C ASP A 71 -13.96 18.70 0.08
N LYS A 72 -12.67 18.96 0.29
CA LYS A 72 -11.82 19.50 -0.76
C LYS A 72 -11.78 18.54 -1.94
N ARG A 73 -11.61 17.26 -1.62
CA ARG A 73 -11.56 16.22 -2.65
C ARG A 73 -12.90 16.06 -3.38
N SER A 74 -14.00 16.21 -2.63
CA SER A 74 -15.33 16.18 -3.25
C SER A 74 -15.43 17.29 -4.29
N LEU A 75 -15.03 18.50 -3.89
CA LEU A 75 -15.06 19.65 -4.78
C LEU A 75 -14.03 19.53 -5.90
N LYS A 76 -12.88 18.96 -5.57
CA LYS A 76 -11.83 18.73 -6.56
C LYS A 76 -12.34 17.82 -7.68
N ALA A 77 -13.15 16.85 -7.29
CA ALA A 77 -13.78 15.93 -8.23
C ALA A 77 -14.71 16.66 -9.18
N ALA A 78 -15.51 17.56 -8.62
CA ALA A 78 -16.50 18.30 -9.38
C ALA A 78 -15.84 19.08 -10.50
N PHE A 79 -14.64 19.60 -10.22
CA PHE A 79 -13.93 20.39 -11.22
C PHE A 79 -13.31 19.52 -12.30
N TYR A 80 -13.04 18.26 -11.97
CA TYR A 80 -12.56 17.31 -12.97
C TYR A 80 -13.63 17.10 -14.03
N THR A 81 -14.88 17.09 -13.59
CA THR A 81 -16.00 16.96 -14.50
C THR A 81 -16.07 18.19 -15.40
N ALA A 82 -15.73 19.34 -14.84
CA ALA A 82 -15.89 20.62 -15.52
C ALA A 82 -14.82 20.90 -16.59
N ILE A 83 -13.64 20.28 -16.46
CA ILE A 83 -12.57 20.57 -17.41
C ILE A 83 -12.88 19.97 -18.77
N GLN A 84 -13.52 18.81 -18.80
CA GLN A 84 -13.73 18.10 -20.04
C GLN A 84 -14.73 18.80 -20.93
N ASP A 85 -15.77 19.36 -20.32
CA ASP A 85 -16.86 20.00 -21.05
C ASP A 85 -16.73 21.52 -21.02
N ASP A 86 -15.66 22.00 -20.39
CA ASP A 86 -15.35 23.43 -20.29
C ASP A 86 -16.47 24.20 -19.60
N ILE A 88 -12.75 26.06 -18.79
CA ILE A 88 -12.01 25.45 -17.69
C ILE A 88 -10.85 24.62 -18.20
N ARG A 89 -9.64 24.99 -17.79
CA ARG A 89 -8.45 24.30 -18.23
C ARG A 89 -7.74 23.63 -17.05
N LYS A 90 -7.72 24.34 -15.93
CA LYS A 90 -7.02 23.88 -14.74
C LYS A 90 -7.97 23.72 -13.56
N ASN A 91 -7.54 22.95 -12.55
CA ASN A 91 -8.38 22.65 -11.39
C ASN A 91 -7.97 23.44 -10.15
N PRO A 92 -8.87 24.31 -9.66
CA PRO A 92 -8.62 25.16 -8.49
C PRO A 92 -8.27 24.39 -7.22
N PHE A 93 -8.77 23.17 -7.08
CA PHE A 93 -8.56 22.39 -5.87
C PHE A 93 -7.39 21.43 -6.00
N ASP A 94 -6.56 21.64 -7.01
CA ASP A 94 -5.37 20.82 -7.19
C ASP A 94 -4.21 21.40 -6.39
N PHE A 95 -4.34 21.35 -5.07
CA PHE A 95 -3.25 21.77 -4.19
C PHE A 95 -3.19 20.85 -3.00
N GLN A 96 -2.27 21.12 -2.08
CA GLN A 96 -2.14 20.34 -0.86
C GLN A 96 -2.65 21.15 0.33
N LEU A 97 -3.56 20.58 1.11
CA LEU A 97 -4.13 21.32 2.24
C LEU A 97 -3.07 21.55 3.31
N SER A 98 -2.07 20.68 3.34
CA SER A 98 -1.00 20.78 4.33
C SER A 98 -0.13 22.03 4.13
N ASP A 99 -0.12 22.54 2.90
CA ASP A 99 0.60 23.79 2.59
C ASP A 99 -0.29 25.00 2.85
N VAL A 100 -1.52 24.74 3.27
CA VAL A 100 -2.47 25.80 3.60
C VAL A 100 -2.92 25.70 5.05
N LEU A 101 -3.16 24.47 5.51
CA LEU A 101 -3.59 24.23 6.88
C LEU A 101 -2.71 23.20 7.57
N ASP A 102 -2.53 23.37 8.88
CA ASP A 102 -1.83 22.36 9.66
C ASP A 102 -2.85 21.38 10.22
N ASP A 103 -2.40 20.16 10.50
CA ASP A 103 -3.30 19.10 10.91
C ASP A 103 -3.30 18.87 12.41
N ASP A 104 -4.38 19.29 13.07
CA ASP A 104 -4.48 19.20 14.53
C ASP A 104 -5.10 17.88 14.98
N THR A 105 -5.33 16.97 14.03
CA THR A 105 -6.05 15.72 14.31
C THR A 105 -5.49 14.99 15.52
N GLU A 106 -6.36 14.71 16.48
CA GLU A 106 -5.97 14.15 17.76
C GLU A 106 -5.52 12.71 17.65
N PRO A 107 -4.55 12.30 18.50
CA PRO A 107 -4.08 10.92 18.53
C PRO A 107 -5.15 9.95 19.06
N LYS A 108 -5.52 8.98 18.24
CA LYS A 108 -6.42 7.91 18.68
C LYS A 108 -5.60 6.82 19.37
N VAL A 109 -5.60 6.83 20.70
CA VAL A 109 -4.74 5.93 21.48
C VAL A 109 -5.45 4.65 21.92
N PRO A 110 -4.79 3.49 21.69
CA PRO A 110 -5.32 2.19 22.11
C PRO A 110 -5.44 2.04 23.63
N LEU A 111 -6.10 0.98 24.05
CA LEU A 111 -6.23 0.66 25.47
C LEU A 111 -5.07 -0.18 25.96
N THR A 112 -4.37 0.34 26.96
CA THR A 112 -3.36 -0.46 27.65
C THR A 112 -4.06 -1.64 28.30
N PRO A 113 -3.44 -2.84 28.22
CA PRO A 113 -3.99 -4.09 28.77
C PRO A 113 -4.46 -3.95 30.23
N ALA A 114 -3.82 -3.09 30.99
CA ALA A 114 -4.18 -2.87 32.39
C ALA A 114 -5.51 -2.13 32.51
N GLN A 115 -5.69 -1.09 31.69
CA GLN A 115 -6.92 -0.32 31.74
C GLN A 115 -8.03 -1.04 30.99
N GLU A 116 -7.67 -1.87 30.02
CA GLU A 116 -8.65 -2.73 29.36
C GLU A 116 -9.18 -3.74 30.36
N GLU A 117 -8.27 -4.31 31.15
CA GLU A 117 -8.64 -5.24 32.19
C GLU A 117 -9.52 -4.57 33.24
N SER A 118 -9.15 -3.36 33.64
CA SER A 118 -9.90 -2.61 34.64
C SER A 118 -11.28 -2.21 34.10
N PHE A 119 -11.36 -2.03 32.80
CA PHE A 119 -12.59 -1.60 32.15
C PHE A 119 -13.62 -2.72 32.17
N LEU A 120 -13.21 -3.91 31.77
CA LEU A 120 -14.12 -5.05 31.68
C LEU A 120 -14.69 -5.44 33.04
N SER A 121 -13.85 -5.44 34.06
CA SER A 121 -14.29 -5.78 35.40
C SER A 121 -15.28 -4.75 35.93
N PHE A 122 -15.08 -3.50 35.55
CA PHE A 122 -16.02 -2.45 35.91
C PHE A 122 -17.38 -2.73 35.28
N ILE A 123 -17.38 -2.95 33.97
CA ILE A 123 -18.59 -3.29 33.23
C ILE A 123 -19.28 -4.51 33.81
N GLN A 124 -18.49 -5.54 34.06
CA GLN A 124 -18.93 -6.78 34.68
C GLN A 124 -19.49 -6.52 36.08
N GLY A 125 -19.12 -5.37 36.65
CA GLY A 125 -19.43 -5.09 38.04
C GLY A 125 -20.75 -4.37 38.31
N ASP A 126 -20.95 -3.22 37.69
CA ASP A 126 -22.09 -2.38 38.04
C ASP A 126 -23.39 -2.81 37.34
N LYS A 127 -24.49 -2.57 38.03
CA LYS A 127 -25.80 -3.05 37.61
C LYS A 127 -26.22 -2.56 36.23
N VAL A 128 -25.99 -1.29 35.96
CA VAL A 128 -26.51 -0.65 34.75
C VAL A 128 -25.84 -1.15 33.45
N TYR A 129 -24.61 -1.64 33.55
CA TYR A 129 -23.83 -1.89 32.33
C TYR A 129 -23.31 -3.33 32.15
N GLN A 130 -23.54 -4.19 33.13
CA GLN A 130 -23.21 -5.62 33.02
C GLN A 130 -23.88 -6.24 31.79
N LYS A 131 -25.00 -5.64 31.38
CA LYS A 131 -25.71 -5.99 30.16
C LYS A 131 -24.82 -6.14 28.92
N HIS A 132 -24.05 -5.10 28.63
CA HIS A 132 -23.30 -5.05 27.37
C HIS A 132 -21.85 -5.51 27.54
N TYR A 133 -21.55 -6.20 28.64
CA TYR A 133 -20.22 -6.76 28.85
C TYR A 133 -19.85 -7.68 27.69
N ASP A 134 -20.80 -8.52 27.31
CA ASP A 134 -20.58 -9.53 26.28
C ASP A 134 -20.24 -8.93 24.92
N ALA A 135 -20.99 -7.92 24.49
CA ALA A 135 -20.74 -7.26 23.22
C ALA A 135 -19.36 -6.62 23.19
N ILE A 136 -19.02 -5.93 24.28
CA ILE A 136 -17.75 -5.20 24.37
C ILE A 136 -16.56 -6.14 24.34
N VAL A 137 -16.65 -7.25 25.07
CA VAL A 137 -15.61 -8.26 25.01
C VAL A 137 -15.49 -8.82 23.60
N ILE A 138 -16.63 -9.01 22.94
CA ILE A 138 -16.67 -9.53 21.59
C ILE A 138 -15.99 -8.55 20.62
N LEU A 139 -16.29 -7.26 20.79
CA LEU A 139 -15.67 -6.23 19.97
C LEU A 139 -14.15 -6.24 20.09
N LEU A 140 -13.67 -6.34 21.33
CA LEU A 140 -12.24 -6.32 21.61
C LEU A 140 -11.53 -7.56 21.11
N GLY A 141 -12.21 -8.70 21.16
CA GLY A 141 -11.61 -9.96 20.79
C GLY A 141 -11.79 -10.34 19.34
N THR A 142 -12.46 -9.47 18.58
CA THR A 142 -12.73 -9.75 17.16
C THR A 142 -12.51 -8.52 16.28
N GLY A 143 -12.55 -7.34 16.88
CA GLY A 143 -12.29 -6.12 16.14
C GLY A 143 -13.33 -5.88 15.08
N LEU A 144 -14.58 -6.10 15.43
CA LEU A 144 -15.69 -5.90 14.52
C LEU A 144 -16.10 -4.43 14.48
N ARG A 145 -16.50 -3.98 13.30
CA ARG A 145 -17.10 -2.67 13.17
C ARG A 145 -18.50 -2.72 13.75
N ILE A 146 -18.90 -1.65 14.42
CA ILE A 146 -20.07 -1.68 15.29
C ILE A 146 -21.34 -2.09 14.54
N SER A 147 -21.44 -1.72 13.27
CA SER A 147 -22.62 -2.09 12.49
C SER A 147 -22.53 -3.53 12.00
N GLU A 148 -21.32 -4.07 11.98
CA GLU A 148 -21.15 -5.48 11.66
C GLU A 148 -21.60 -6.31 12.86
N LEU A 149 -21.38 -5.75 14.05
CA LEU A 149 -21.82 -6.38 15.29
C LEU A 149 -23.34 -6.39 15.41
N CYS A 150 -23.93 -5.21 15.25
CA CYS A 150 -25.38 -5.05 15.32
C CYS A 150 -26.09 -5.96 14.33
N GLY A 151 -25.45 -6.19 13.19
CA GLY A 151 -26.03 -6.97 12.12
C GLY A 151 -25.90 -8.47 12.28
N LEU A 152 -25.16 -8.92 13.29
CA LEU A 152 -24.96 -10.35 13.51
C LEU A 152 -26.23 -11.09 13.90
N THR A 153 -26.50 -12.21 13.23
CA THR A 153 -27.62 -13.10 13.58
C THR A 153 -27.11 -14.53 13.76
N ASP A 154 -27.97 -15.39 14.30
CA ASP A 154 -27.65 -16.79 14.56
C ASP A 154 -27.15 -17.55 13.33
N LYS A 155 -27.58 -17.11 12.14
CA LYS A 155 -27.17 -17.74 10.89
C LYS A 155 -25.74 -17.36 10.55
N ASP A 156 -25.26 -16.29 11.15
CA ASP A 156 -23.92 -15.78 10.87
C ASP A 156 -22.88 -16.40 11.78
N LEU A 157 -23.30 -17.26 12.69
CA LEU A 157 -22.37 -17.86 13.62
C LEU A 157 -22.13 -19.34 13.35
N ASP A 158 -21.00 -19.83 13.82
CA ASP A 158 -20.57 -21.21 13.55
C ASP A 158 -19.91 -21.77 14.80
N PHE A 159 -20.69 -21.96 15.85
CA PHE A 159 -20.18 -22.51 17.11
C PHE A 159 -19.57 -23.88 16.90
N GLU A 160 -20.01 -24.55 15.85
CA GLU A 160 -19.54 -25.88 15.51
C GLU A 160 -18.14 -25.84 14.90
N ASN A 161 -17.63 -24.64 14.66
CA ASN A 161 -16.25 -24.44 14.22
C ASN A 161 -15.69 -23.10 14.68
N ARG A 162 -16.47 -22.40 15.50
CA ARG A 162 -16.11 -21.12 16.10
C ARG A 162 -15.71 -20.09 15.04
N VAL A 163 -16.66 -19.78 14.17
CA VAL A 163 -16.44 -18.86 13.05
C VAL A 163 -17.53 -17.80 12.98
N ILE A 164 -17.12 -16.54 12.81
CA ILE A 164 -18.08 -15.45 12.61
C ILE A 164 -18.02 -14.97 11.17
N ILE A 165 -19.14 -15.10 10.46
CA ILE A 165 -19.19 -14.71 9.06
C ILE A 165 -19.68 -13.28 8.90
N VAL A 166 -18.79 -12.39 8.50
CA VAL A 166 -19.16 -11.02 8.22
C VAL A 166 -19.55 -10.90 6.76
N SER A 167 -20.85 -10.85 6.50
CA SER A 167 -21.36 -10.81 5.14
C SER A 167 -22.19 -9.57 4.90
N HIS A 168 -22.35 -8.76 5.94
CA HIS A 168 -23.30 -7.65 5.92
C HIS A 168 -23.19 -6.78 7.15
N GLN A 169 -23.84 -5.62 7.10
CA GLN A 169 -23.93 -4.71 8.24
C GLN A 169 -25.32 -4.11 8.35
N LEU A 170 -25.87 -4.08 9.56
CA LEU A 170 -27.18 -3.48 9.79
C LEU A 170 -27.04 -2.01 10.15
N LEU A 171 -27.58 -1.14 9.30
CA LEU A 171 -27.51 0.29 9.54
C LEU A 171 -28.89 0.83 9.89
N ARG A 172 -28.94 2.00 10.50
CA ARG A 172 -30.21 2.65 10.81
C ARG A 172 -30.08 4.15 10.58
N ASN A 173 -31.10 4.75 9.98
CA ASN A 173 -31.04 6.14 9.56
C ASN A 173 -32.39 6.85 9.75
N THR A 174 -32.39 8.19 9.70
CA THR A 174 -33.61 8.97 9.90
C THR A 174 -34.46 8.92 8.64
N GLY A 175 -35.75 8.61 8.79
CA GLY A 175 -36.64 8.43 7.65
C GLY A 175 -36.55 7.03 7.08
N VAL A 176 -35.38 6.71 6.54
CA VAL A 176 -35.13 5.42 5.93
C VAL A 176 -35.40 4.26 6.88
N GLY A 177 -34.91 4.39 8.11
CA GLY A 177 -35.04 3.33 9.09
C GLY A 177 -33.94 2.30 8.95
N TYR A 178 -34.20 1.08 9.35
CA TYR A 178 -33.22 0.01 9.23
C TYR A 178 -33.04 -0.41 7.78
N TYR A 179 -31.82 -0.80 7.46
CA TYR A 179 -31.51 -1.41 6.17
C TYR A 179 -30.20 -2.18 6.29
N ILE A 180 -29.87 -2.95 5.26
CA ILE A 180 -28.64 -3.71 5.27
C ILE A 180 -27.84 -3.46 4.00
N ASP A 181 -26.55 -3.18 4.18
CA ASP A 181 -25.66 -2.98 3.05
C ASP A 181 -24.76 -4.20 2.87
N GLU A 182 -24.69 -4.67 1.63
CA GLU A 182 -23.88 -5.84 1.31
C GLU A 182 -22.76 -5.49 0.35
N PRO A 183 -21.61 -6.14 0.52
CA PRO A 183 -20.51 -6.03 -0.45
C PRO A 183 -20.87 -6.69 -1.78
N LYS A 184 -20.68 -5.98 -2.87
CA LYS A 184 -20.88 -6.55 -4.20
C LYS A 184 -19.88 -7.67 -4.45
N THR A 185 -18.63 -7.41 -4.07
CA THR A 185 -17.55 -8.39 -4.21
C THR A 185 -17.56 -9.40 -3.07
N GLN A 186 -16.98 -10.57 -3.30
CA GLN A 186 -16.87 -11.57 -2.24
C GLN A 186 -15.62 -11.29 -1.39
N SER A 187 -14.95 -10.18 -1.71
CA SER A 187 -13.83 -9.72 -0.91
C SER A 187 -14.31 -9.10 0.39
N GLY A 188 -15.58 -8.68 0.41
CA GLY A 188 -16.18 -8.07 1.58
C GLY A 188 -16.50 -9.09 2.66
N VAL A 189 -16.79 -10.31 2.24
CA VAL A 189 -17.03 -11.39 3.18
C VAL A 189 -15.72 -11.76 3.86
N ARG A 190 -15.75 -11.88 5.19
CA ARG A 190 -14.58 -12.30 5.94
C ARG A 190 -15.03 -13.09 7.17
N LYS A 191 -14.15 -13.96 7.66
CA LYS A 191 -14.49 -14.82 8.78
C LYS A 191 -13.51 -14.69 9.94
N ILE A 192 -14.04 -14.56 11.15
CA ILE A 192 -13.23 -14.32 12.33
C ILE A 192 -13.32 -15.46 13.33
N PRO A 193 -12.18 -15.94 13.82
CA PRO A 193 -12.11 -17.00 14.84
C PRO A 193 -12.65 -16.55 16.20
N MET A 194 -13.17 -17.51 16.97
CA MET A 194 -13.70 -17.22 18.30
C MET A 194 -12.75 -17.65 19.41
N ASN A 195 -12.26 -16.69 20.18
CA ASN A 195 -11.57 -17.01 21.41
C ASN A 195 -12.50 -17.77 22.34
N GLU A 196 -11.93 -18.50 23.29
CA GLU A 196 -12.73 -19.11 24.34
C GLU A 196 -13.49 -18.02 25.08
N GLU A 197 -12.85 -16.87 25.22
CA GLU A 197 -13.50 -15.71 25.82
C GLU A 197 -14.65 -15.23 24.94
N VAL A 198 -14.39 -15.15 23.64
CA VAL A 198 -15.39 -14.66 22.70
C VAL A 198 -16.50 -15.67 22.45
N TYR A 199 -16.09 -16.92 22.22
CA TYR A 199 -17.04 -17.99 21.97
C TYR A 199 -18.03 -18.12 23.13
N GLN A 200 -17.52 -18.14 24.35
CA GLN A 200 -18.37 -18.24 25.52
C GLN A 200 -19.24 -17.01 25.68
N ALA A 201 -18.70 -15.85 25.30
CA ALA A 201 -19.43 -14.60 25.41
C ALA A 201 -20.64 -14.59 24.49
N PHE A 202 -20.49 -15.24 23.35
CA PHE A 202 -21.58 -15.32 22.37
C PHE A 202 -22.57 -16.41 22.75
N GLN A 203 -22.09 -17.41 23.49
CA GLN A 203 -22.98 -18.45 23.99
C GLN A 203 -23.78 -17.95 25.17
N ARG A 204 -23.35 -16.84 25.76
CA ARG A 204 -24.07 -16.26 26.88
C ARG A 204 -24.93 -15.07 26.46
N VAL A 205 -25.04 -14.85 25.15
CA VAL A 205 -25.90 -13.78 24.65
C VAL A 205 -27.13 -14.39 23.99
N ILE A 206 -27.01 -15.66 23.58
CA ILE A 206 -28.11 -16.39 23.00
C ILE A 206 -29.13 -16.72 24.09
N LYS A 207 -28.59 -17.10 25.25
CA LYS A 207 -29.42 -17.47 26.39
C LYS A 207 -30.10 -16.25 26.99
N ASN A 208 -29.62 -15.07 26.63
CA ASN A 208 -30.12 -13.84 27.24
C ASN A 208 -30.80 -12.91 26.26
N ARG A 209 -30.87 -13.31 25.00
CA ARG A 209 -31.66 -12.59 24.04
C ARG A 209 -33.12 -12.75 24.44
N LYS A 210 -33.73 -11.68 24.95
CA LYS A 210 -35.07 -11.76 25.50
C LYS A 210 -36.05 -10.78 24.86
N GLY A 211 -37.22 -11.30 24.50
CA GLY A 211 -38.32 -10.49 24.02
C GLY A 211 -38.03 -9.65 22.78
N ALA A 212 -37.63 -10.32 21.70
CA ALA A 212 -37.31 -9.63 20.46
C ALA A 212 -38.56 -9.27 19.66
N LYS A 213 -38.63 -8.03 19.19
CA LYS A 213 -39.73 -7.58 18.35
C LYS A 213 -39.65 -8.26 16.98
N PRO A 214 -40.81 -8.54 16.36
CA PRO A 214 -40.85 -9.15 15.03
C PRO A 214 -40.14 -8.28 14.02
N PHE A 215 -39.15 -8.85 13.32
CA PHE A 215 -38.25 -8.05 12.52
C PHE A 215 -37.50 -8.88 11.49
N ILE A 216 -37.62 -8.51 10.22
CA ILE A 216 -36.77 -9.07 9.19
C ILE A 216 -36.50 -8.02 8.12
N ILE A 217 -35.24 -7.91 7.71
CA ILE A 217 -34.85 -6.91 6.72
C ILE A 217 -33.94 -7.55 5.67
N ASP A 218 -34.38 -7.49 4.41
CA ASP A 218 -33.66 -8.09 3.28
C ASP A 218 -33.26 -9.53 3.55
N GLY A 219 -34.15 -10.29 4.15
CA GLY A 219 -33.93 -11.69 4.42
C GLY A 219 -33.03 -11.94 5.60
N TYR A 220 -32.82 -10.91 6.41
CA TYR A 220 -32.03 -11.04 7.61
C TYR A 220 -32.90 -10.88 8.85
N ALA A 221 -32.90 -11.87 9.73
CA ALA A 221 -33.71 -11.81 10.93
C ALA A 221 -33.01 -12.48 12.11
N ASN A 222 -33.66 -12.42 13.26
CA ASN A 222 -33.12 -12.94 14.51
C ASN A 222 -31.77 -12.33 14.85
N PHE A 223 -31.70 -11.01 14.80
CA PHE A 223 -30.49 -10.29 15.17
C PHE A 223 -30.18 -10.53 16.64
N LEU A 224 -28.89 -10.71 16.94
CA LEU A 224 -28.46 -11.11 18.27
C LEU A 224 -28.47 -9.97 19.28
N PHE A 225 -28.41 -8.73 18.79
CA PHE A 225 -28.08 -7.64 19.69
C PHE A 225 -29.24 -6.73 20.04
N LEU A 226 -29.25 -6.32 21.31
CA LEU A 226 -30.48 -6.11 22.04
C LEU A 226 -30.75 -4.68 22.50
N LYS A 227 -31.60 -3.98 21.75
CA LYS A 227 -32.16 -2.73 22.25
C LYS A 227 -33.37 -3.11 23.09
N GLN A 228 -33.65 -2.31 24.11
CA GLN A 228 -34.70 -2.64 25.07
C GLN A 228 -36.11 -2.41 24.52
N ASN A 229 -36.20 -1.85 23.32
CA ASN A 229 -37.49 -1.66 22.66
C ASN A 229 -37.84 -2.85 21.78
N GLY A 230 -37.03 -3.91 21.87
CA GLY A 230 -37.31 -5.14 21.15
C GLY A 230 -36.67 -5.22 19.79
N TYR A 231 -36.11 -4.11 19.33
CA TYR A 231 -35.47 -4.06 18.01
C TYR A 231 -33.95 -4.15 18.15
N PRO A 232 -33.24 -4.49 17.06
CA PRO A 232 -31.78 -4.60 17.16
C PRO A 232 -31.12 -3.27 17.48
N MET A 233 -29.97 -3.31 18.15
CA MET A 233 -29.31 -2.08 18.55
C MET A 233 -28.61 -1.42 17.36
N THR A 234 -28.12 -0.21 17.59
CA THR A 234 -27.60 0.62 16.52
C THR A 234 -26.24 1.20 16.91
N ALA A 235 -25.43 1.53 15.91
CA ALA A 235 -24.16 2.20 16.12
C ALA A 235 -24.32 3.42 17.03
N VAL A 236 -25.39 4.17 16.79
CA VAL A 236 -25.72 5.33 17.61
C VAL A 236 -26.18 4.90 19.01
N ASP A 237 -26.97 3.84 19.06
CA ASP A 237 -27.47 3.34 20.33
C ASP A 237 -26.34 2.73 21.15
N TYR A 238 -25.32 2.23 20.46
CA TYR A 238 -24.14 1.72 21.15
C TYR A 238 -23.24 2.86 21.58
N GLY A 239 -23.04 3.82 20.70
CA GLY A 239 -22.18 4.96 20.97
C GLY A 239 -22.62 5.75 22.18
N GLY A 240 -23.92 6.08 22.22
CA GLY A 240 -24.48 6.83 23.33
C GLY A 240 -24.23 6.14 24.67
N MET A 241 -24.46 4.82 24.70
CA MET A 241 -24.23 4.03 25.90
C MET A 241 -22.76 4.06 26.32
N PHE A 242 -21.87 3.91 25.35
CA PHE A 242 -20.44 3.98 25.62
C PHE A 242 -20.07 5.28 26.31
N GLY A 243 -20.57 6.39 25.78
CA GLY A 243 -20.35 7.70 26.35
C GLY A 243 -20.76 7.75 27.81
N ARG A 244 -21.96 7.26 28.10
CA ARG A 244 -22.46 7.23 29.48
C ARG A 244 -21.62 6.29 30.34
N LEU A 245 -21.27 5.14 29.76
CA LEU A 245 -20.47 4.13 30.45
C LEU A 245 -19.11 4.68 30.88
N VAL A 246 -18.38 5.25 29.93
CA VAL A 246 -17.05 5.78 30.19
C VAL A 246 -17.10 6.86 31.25
N LYS A 247 -18.10 7.73 31.16
CA LYS A 247 -18.27 8.82 32.13
C LYS A 247 -18.36 8.30 33.55
N LYS A 248 -19.21 7.31 33.79
CA LYS A 248 -19.38 6.75 35.12
C LYS A 248 -18.10 6.02 35.56
N TYR A 249 -17.35 5.50 34.59
CA TYR A 249 -16.08 4.84 34.89
C TYR A 249 -15.06 5.86 35.39
N ASN A 250 -14.96 6.96 34.66
CA ASN A 250 -13.94 7.97 34.94
C ASN A 250 -14.17 8.75 36.23
N LYS A 251 -15.42 8.80 36.66
CA LYS A 251 -15.74 9.41 37.94
C LYS A 251 -15.36 8.45 39.06
N SER A 252 -15.28 7.16 38.73
CA SER A 252 -14.96 6.13 39.69
C SER A 252 -13.46 5.89 39.76
N HIS A 253 -12.77 6.17 38.67
CA HIS A 253 -11.34 5.88 38.54
C HIS A 253 -10.52 7.13 38.27
N GLU A 254 -9.44 7.28 39.02
CA GLU A 254 -8.58 8.45 38.91
C GLU A 254 -7.68 8.35 37.68
N GLU A 255 -7.07 7.18 37.52
CA GLU A 255 -6.11 6.90 36.46
C GLU A 255 -6.63 7.12 35.04
N ALA A 256 -7.92 6.83 34.86
CA ALA A 256 -8.48 6.59 33.54
C ALA A 256 -9.47 7.72 33.16
N LEU A 257 -9.97 7.83 31.92
CA LEU A 257 -9.77 6.94 30.75
C LEU A 257 -9.86 7.79 29.48
N PRO A 258 -9.15 7.39 28.40
CA PRO A 258 -9.16 8.17 27.14
C PRO A 258 -10.56 8.51 26.62
N LYS A 259 -10.75 9.74 26.16
CA LYS A 259 -12.07 10.22 25.77
C LYS A 259 -12.47 9.72 24.38
N THR A 260 -11.47 9.40 23.57
CA THR A 260 -11.70 8.86 22.23
C THR A 260 -12.22 7.42 22.31
N THR A 261 -12.36 6.91 23.53
CA THR A 261 -12.96 5.60 23.76
C THR A 261 -14.36 5.56 23.17
N THR A 262 -14.61 4.53 22.37
CA THR A 262 -15.75 4.48 21.47
C THR A 262 -15.81 3.06 20.92
N PRO A 263 -16.93 2.67 20.28
CA PRO A 263 -16.92 1.31 19.71
C PRO A 263 -15.75 1.00 18.77
N HIS A 264 -15.32 1.98 17.96
CA HIS A 264 -14.25 1.72 17.00
C HIS A 264 -12.88 1.79 17.65
N ALA A 265 -12.84 2.28 18.89
CA ALA A 265 -11.61 2.28 19.67
C ALA A 265 -11.30 0.85 20.12
N MET A 266 -12.34 0.04 20.24
CA MET A 266 -12.17 -1.38 20.54
C MET A 266 -11.52 -2.08 19.35
N ARG A 267 -11.91 -1.66 18.15
CA ARG A 267 -11.34 -2.21 16.94
C ARG A 267 -9.90 -1.74 16.75
N HIS A 268 -9.68 -0.44 16.97
CA HIS A 268 -8.36 0.16 16.86
C HIS A 268 -7.40 -0.51 17.85
N THR A 269 -7.93 -0.85 19.02
CA THR A 269 -7.16 -1.57 20.04
C THR A 269 -6.85 -3.00 19.61
N PHE A 270 -7.85 -3.64 19.02
CA PHE A 270 -7.73 -5.00 18.53
C PHE A 270 -6.56 -5.11 17.54
N CYS A 271 -6.54 -4.19 16.58
CA CYS A 271 -5.54 -4.22 15.52
C CYS A 271 -4.15 -3.89 16.05
N THR A 272 -4.07 -2.98 17.01
CA THR A 272 -2.81 -2.56 17.57
C THR A 272 -2.10 -3.69 18.31
N ARG A 273 -2.80 -4.33 19.26
CA ARG A 273 -2.18 -5.39 20.05
C ARG A 273 -1.74 -6.57 19.17
N LEU A 274 -2.44 -6.77 18.07
CA LEU A 274 -2.11 -7.85 17.15
C LEU A 274 -0.91 -7.50 16.29
N ALA A 275 -0.89 -6.26 15.79
CA ALA A 275 0.20 -5.79 14.94
C ALA A 275 1.50 -5.76 15.70
N ASN A 276 1.46 -5.24 16.92
CA ASN A 276 2.63 -5.15 17.78
C ASN A 276 3.20 -6.52 18.14
N ALA A 277 2.31 -7.50 18.30
CA ALA A 277 2.73 -8.84 18.71
C ALA A 277 3.36 -9.61 17.55
N GLY A 278 3.40 -8.98 16.39
CA GLY A 278 4.10 -9.53 15.24
C GLY A 278 3.25 -10.34 14.29
N MET A 279 1.95 -10.08 14.28
CA MET A 279 1.05 -10.83 13.41
C MET A 279 1.30 -10.50 11.95
N ASN A 280 1.31 -11.53 11.10
CA ASN A 280 1.47 -11.39 9.66
C ASN A 280 0.52 -10.33 9.11
N PRO A 281 1.07 -9.35 8.38
CA PRO A 281 0.31 -8.22 7.87
C PRO A 281 -0.81 -8.63 6.91
N LYS A 282 -0.54 -9.59 6.03
CA LYS A 282 -1.55 -10.05 5.08
C LYS A 282 -2.75 -10.63 5.81
N ALA A 283 -2.46 -11.45 6.82
CA ALA A 283 -3.49 -12.11 7.62
C ALA A 283 -4.28 -11.08 8.42
N LEU A 284 -3.57 -10.14 9.04
CA LEU A 284 -4.20 -9.10 9.83
C LEU A 284 -5.14 -8.24 8.99
N GLN A 285 -4.80 -8.06 7.72
CA GLN A 285 -5.65 -7.30 6.80
C GLN A 285 -6.95 -8.05 6.55
N TYR A 286 -6.87 -9.38 6.45
CA TYR A 286 -8.04 -10.22 6.22
C TYR A 286 -9.04 -10.12 7.35
N ILE A 287 -8.55 -10.27 8.57
CA ILE A 287 -9.38 -10.23 9.77
C ILE A 287 -10.04 -8.87 9.95
N MET A 288 -9.29 -7.82 9.70
CA MET A 288 -9.78 -6.47 9.90
C MET A 288 -10.80 -6.11 8.83
N GLY A 289 -10.69 -6.74 7.68
CA GLY A 289 -11.58 -6.47 6.57
C GLY A 289 -11.29 -5.15 5.88
N HIS A 290 -10.01 -4.79 5.84
CA HIS A 290 -9.58 -3.58 5.14
C HIS A 290 -9.64 -3.77 3.64
N SER A 291 -10.19 -2.77 2.94
CA SER A 291 -10.20 -2.80 1.49
C SER A 291 -8.80 -2.54 0.95
N ASN A 292 -8.09 -1.61 1.56
CA ASN A 292 -6.71 -1.32 1.20
C ASN A 292 -5.75 -1.83 2.26
N ILE A 293 -4.66 -2.44 1.83
CA ILE A 293 -3.70 -3.03 2.73
C ILE A 293 -2.84 -1.97 3.45
N THR A 294 -2.79 -0.77 2.89
CA THR A 294 -2.00 0.31 3.48
C THR A 294 -2.54 0.71 4.85
N MET A 295 -3.86 0.64 4.99
CA MET A 295 -4.52 0.99 6.24
C MET A 295 -4.03 0.11 7.37
N THR A 296 -3.87 -1.18 7.07
CA THR A 296 -3.41 -2.14 8.06
C THR A 296 -2.03 -1.75 8.57
N LEU A 297 -1.23 -1.16 7.69
CA LEU A 297 0.16 -0.85 8.02
C LEU A 297 0.31 0.46 8.78
N ASN A 298 -0.77 1.23 8.87
CA ASN A 298 -0.75 2.42 9.69
C ASN A 298 -0.69 2.04 11.16
N PHE A 299 -1.01 0.77 11.44
CA PHE A 299 -0.96 0.24 12.79
C PHE A 299 0.43 -0.28 13.10
N TYR A 300 1.30 -0.25 12.09
CA TYR A 300 2.69 -0.62 12.26
C TYR A 300 3.57 0.62 12.30
N ALA A 301 4.12 0.90 13.48
CA ALA A 301 5.00 2.05 13.66
C ALA A 301 6.15 1.98 12.67
N HIS A 302 6.36 3.07 11.94
CA HIS A 302 7.36 3.09 10.89
C HIS A 302 8.72 2.75 11.45
N ALA A 303 9.50 1.99 10.69
CA ALA A 303 10.79 1.49 11.17
C ALA A 303 11.91 2.51 11.04
N THR A 304 12.69 2.65 12.10
CA THR A 304 13.94 3.41 12.07
C THR A 304 15.06 2.47 11.66
N PHE A 305 16.27 2.99 11.59
CA PHE A 305 17.42 2.13 11.36
C PHE A 305 17.60 1.21 12.56
N ASP A 306 17.25 1.73 13.73
CA ASP A 306 17.32 0.98 14.96
C ASP A 306 16.28 -0.14 14.96
N SER A 307 15.08 0.17 14.47
CA SER A 307 14.03 -0.84 14.38
C SER A 307 14.47 -1.92 13.39
N ALA A 308 15.15 -1.50 12.33
CA ALA A 308 15.69 -2.41 11.34
C ALA A 308 16.87 -3.19 11.91
N ARG A 309 17.59 -2.56 12.84
CA ARG A 309 18.71 -3.22 13.50
C ARG A 309 18.23 -4.45 14.24
N ALA A 310 17.21 -4.25 15.08
CA ALA A 310 16.70 -5.33 15.92
C ALA A 310 16.17 -6.50 15.10
N GLU A 311 15.25 -6.19 14.18
CA GLU A 311 14.57 -7.22 13.38
C GLU A 311 15.52 -8.21 12.73
N MET A 312 16.64 -7.73 12.23
CA MET A 312 17.59 -8.58 11.52
C MET A 312 18.49 -9.36 12.47
N GLU A 313 18.91 -8.71 13.55
CA GLU A 313 19.75 -9.39 14.54
C GLU A 313 19.03 -10.63 15.08
N ARG A 314 17.70 -10.54 15.20
CA ARG A 314 16.89 -11.69 15.57
C ARG A 314 16.92 -12.74 14.44
N LEU A 315 16.32 -12.39 13.30
CA LEU A 315 16.10 -13.35 12.21
C LEU A 315 17.36 -13.77 11.42
N ALA A 316 18.13 -12.81 10.94
CA ALA A 316 19.30 -13.09 10.08
C ALA A 316 20.39 -13.86 10.81
N ALA A 317 20.16 -15.15 11.04
CA ALA A 317 21.17 -16.03 11.62
C ALA A 317 21.02 -17.46 11.08
N MET B 2 -1.63 16.61 -35.70
CA MET B 2 -2.63 15.55 -35.78
C MET B 2 -2.06 14.17 -35.43
N THR B 3 -0.78 13.95 -35.77
CA THR B 3 -0.12 12.66 -35.55
C THR B 3 -0.16 12.27 -34.06
N VAL B 4 0.10 11.00 -33.75
CA VAL B 4 0.25 10.57 -32.36
C VAL B 4 1.69 10.12 -32.18
N CYS B 5 2.37 9.94 -33.31
CA CYS B 5 3.78 9.65 -33.34
C CYS B 5 4.59 10.80 -32.72
N GLN B 6 4.33 12.03 -33.16
CA GLN B 6 5.12 13.15 -32.67
C GLN B 6 4.27 14.25 -32.03
N LEU B 7 3.03 13.93 -31.67
CA LEU B 7 2.27 14.72 -30.71
C LEU B 7 2.37 13.99 -29.37
N TYR B 8 3.01 12.83 -29.40
CA TYR B 8 3.50 12.18 -28.19
C TYR B 8 4.85 12.79 -27.82
N ALA B 9 5.60 13.25 -28.82
CA ALA B 9 6.86 13.93 -28.59
C ALA B 9 6.63 15.25 -27.86
N LYS B 10 5.41 15.77 -27.96
CA LYS B 10 5.06 17.01 -27.27
C LYS B 10 5.03 16.80 -25.76
N GLN B 11 4.55 15.63 -25.34
CA GLN B 11 4.41 15.33 -23.92
C GLN B 11 5.79 15.25 -23.26
N ILE B 12 6.70 14.52 -23.88
CA ILE B 12 8.03 14.29 -23.32
C ILE B 12 8.91 15.53 -23.41
N ARG B 13 8.60 16.41 -24.35
CA ARG B 13 9.39 17.62 -24.53
C ARG B 13 9.18 18.57 -23.35
N HIS B 14 7.93 18.73 -22.92
CA HIS B 14 7.61 19.61 -21.81
C HIS B 14 7.64 18.86 -20.48
N ARG B 15 8.02 17.60 -20.54
CA ARG B 15 8.38 16.84 -19.36
C ARG B 15 9.81 16.36 -19.56
N GLY B 16 10.73 17.32 -19.55
CA GLY B 16 12.11 17.07 -19.97
C GLY B 16 13.09 16.55 -18.94
N ASN B 17 12.99 17.05 -17.71
CA ASN B 17 13.94 16.64 -16.67
C ASN B 17 13.72 15.19 -16.26
N VAL B 18 14.39 14.28 -16.95
CA VAL B 18 14.31 12.85 -16.66
C VAL B 18 15.71 12.23 -16.63
N LYS B 19 15.83 11.06 -16.03
CA LYS B 19 17.11 10.34 -16.01
C LYS B 19 17.46 9.84 -17.42
N HIS B 20 18.71 9.46 -17.63
CA HIS B 20 19.14 9.01 -18.96
C HIS B 20 18.42 7.73 -19.37
N ASN B 21 18.34 6.78 -18.45
CA ASN B 21 17.67 5.51 -18.72
C ASN B 21 16.20 5.72 -19.08
N THR B 22 15.64 6.84 -18.62
CA THR B 22 14.26 7.20 -18.96
C THR B 22 14.20 7.67 -20.42
N LYS B 23 15.22 8.39 -20.86
CA LYS B 23 15.26 8.89 -22.23
C LYS B 23 15.33 7.73 -23.24
N LEU B 24 15.99 6.64 -22.84
CA LEU B 24 16.15 5.48 -23.69
C LEU B 24 14.85 4.74 -23.92
N GLY B 25 14.13 4.47 -22.84
CA GLY B 25 12.82 3.83 -22.91
C GLY B 25 11.81 4.73 -23.59
N ARG B 26 11.92 6.03 -23.37
CA ARG B 26 11.06 7.00 -24.03
C ARG B 26 11.26 6.94 -25.54
N GLU B 27 12.49 6.70 -25.95
CA GLU B 27 12.80 6.65 -27.37
C GLU B 27 12.27 5.35 -27.97
N ARG B 28 12.33 4.28 -27.18
CA ARG B 28 11.82 2.99 -27.62
C ARG B 28 10.37 3.09 -28.05
N LEU B 29 9.54 3.69 -27.20
CA LEU B 29 8.13 3.87 -27.48
C LEU B 29 7.92 4.73 -28.72
N MET B 30 8.75 5.76 -28.86
CA MET B 30 8.69 6.64 -30.02
C MET B 30 8.91 5.87 -31.32
N ARG B 31 9.89 4.98 -31.33
CA ARG B 31 10.21 4.21 -32.53
C ARG B 31 9.17 3.10 -32.77
N ILE B 32 8.50 2.66 -31.71
CA ILE B 32 7.37 1.75 -31.83
C ILE B 32 6.23 2.45 -32.57
N LEU B 33 5.96 3.69 -32.17
CA LEU B 33 4.94 4.50 -32.83
C LEU B 33 5.31 4.79 -34.28
N GLU B 34 6.61 4.94 -34.52
CA GLU B 34 7.10 5.19 -35.87
C GLU B 34 6.93 3.95 -36.75
N GLN B 35 6.96 2.78 -36.13
CA GLN B 35 6.79 1.53 -36.85
C GLN B 35 5.32 1.16 -36.98
N ASP B 36 4.53 1.43 -35.95
CA ASP B 36 3.13 1.01 -35.91
C ASP B 36 2.21 1.95 -36.70
N ARG B 37 1.17 1.38 -37.27
CA ARG B 37 0.14 2.12 -37.99
C ARG B 37 -0.46 3.22 -37.12
N LEU B 38 -0.63 2.90 -35.85
CA LEU B 38 -1.23 3.82 -34.89
C LEU B 38 -0.52 5.17 -34.88
N GLY B 39 0.79 5.14 -35.06
CA GLY B 39 1.61 6.34 -35.08
C GLY B 39 1.07 7.44 -35.96
N SER B 40 0.73 7.10 -37.19
CA SER B 40 0.31 8.10 -38.17
C SER B 40 -1.16 8.50 -38.06
N CYS B 41 -1.92 7.79 -37.22
CA CYS B 41 -3.34 8.11 -37.05
C CYS B 41 -3.53 9.52 -36.52
N PRO B 42 -4.52 10.25 -37.04
CA PRO B 42 -4.84 11.58 -36.51
C PRO B 42 -5.22 11.50 -35.03
N ILE B 43 -4.87 12.51 -34.24
CA ILE B 43 -5.06 12.48 -32.79
C ILE B 43 -6.54 12.36 -32.41
N ASP B 44 -7.41 13.07 -33.13
CA ASP B 44 -8.85 13.03 -32.88
C ASP B 44 -9.52 11.81 -33.56
N SER B 45 -8.79 11.14 -34.43
CA SER B 45 -9.29 9.95 -35.12
C SER B 45 -9.14 8.64 -34.32
N VAL B 46 -8.30 8.65 -33.29
CA VAL B 46 -8.01 7.44 -32.53
C VAL B 46 -9.14 7.13 -31.53
N LYS B 47 -9.78 5.98 -31.73
CA LYS B 47 -10.88 5.53 -30.88
C LYS B 47 -10.41 4.48 -29.89
N LEU B 48 -11.30 4.06 -28.99
CA LEU B 48 -10.93 3.10 -27.95
C LEU B 48 -10.62 1.73 -28.56
N SER B 49 -11.33 1.38 -29.63
CA SER B 49 -11.10 0.11 -30.30
C SER B 49 -9.69 0.04 -30.88
N ASP B 50 -9.28 1.11 -31.54
CA ASP B 50 -7.97 1.18 -32.18
C ASP B 50 -6.82 1.02 -31.19
N ALA B 51 -7.04 1.48 -29.97
CA ALA B 51 -6.03 1.35 -28.92
C ALA B 51 -5.91 -0.10 -28.46
N LYS B 52 -7.04 -0.80 -28.38
CA LYS B 52 -7.05 -2.19 -27.97
C LYS B 52 -6.33 -3.06 -28.99
N GLU B 53 -6.55 -2.78 -30.27
CA GLU B 53 -5.91 -3.52 -31.36
C GLU B 53 -4.40 -3.33 -31.33
N TRP B 54 -3.99 -2.14 -30.93
CA TRP B 54 -2.58 -1.83 -30.77
C TRP B 54 -1.91 -2.80 -29.80
N ALA B 55 -2.54 -3.00 -28.66
CA ALA B 55 -2.03 -3.92 -27.65
C ALA B 55 -1.87 -5.32 -28.24
N LEU B 56 -2.86 -5.75 -29.02
CA LEU B 56 -2.82 -7.05 -29.67
C LEU B 56 -1.63 -7.14 -30.61
N ARG B 57 -1.41 -6.07 -31.36
CA ARG B 57 -0.31 -6.02 -32.31
C ARG B 57 1.04 -6.08 -31.60
N MET B 58 1.11 -5.47 -30.41
CA MET B 58 2.32 -5.49 -29.62
C MET B 58 2.63 -6.90 -29.13
N LYS B 59 1.59 -7.65 -28.78
CA LYS B 59 1.76 -9.01 -28.32
C LYS B 59 2.13 -9.93 -29.49
N GLU B 60 1.57 -9.61 -30.66
CA GLU B 60 1.87 -10.35 -31.88
C GLU B 60 3.30 -10.03 -32.34
N LYS B 61 3.68 -8.78 -32.13
CA LYS B 61 5.03 -8.32 -32.42
C LYS B 61 6.02 -9.08 -31.56
N GLY B 62 5.63 -9.37 -30.32
CA GLY B 62 6.42 -10.20 -29.43
C GLY B 62 6.73 -9.57 -28.08
N LEU B 63 6.10 -8.43 -27.79
CA LEU B 63 6.39 -7.70 -26.56
C LEU B 63 5.69 -8.31 -25.36
N SER B 64 6.30 -8.17 -24.19
CA SER B 64 5.76 -8.74 -22.95
C SER B 64 4.50 -8.02 -22.50
N TYR B 65 3.71 -8.70 -21.67
CA TYR B 65 2.49 -8.13 -21.12
C TYR B 65 2.81 -6.88 -20.32
N LYS B 66 3.77 -6.99 -19.41
CA LYS B 66 4.18 -5.86 -18.60
C LYS B 66 4.74 -4.75 -19.46
N THR B 67 5.43 -5.11 -20.54
CA THR B 67 5.99 -4.12 -21.46
C THR B 67 4.88 -3.30 -22.12
N ILE B 68 3.93 -3.99 -22.72
CA ILE B 68 2.78 -3.33 -23.36
C ILE B 68 2.00 -2.52 -22.34
N ASN B 69 1.86 -3.09 -21.15
CA ASN B 69 1.09 -2.44 -20.09
C ASN B 69 1.68 -1.11 -19.69
N ASN B 70 3.01 -1.06 -19.60
CA ASN B 70 3.70 0.18 -19.28
C ASN B 70 3.59 1.18 -20.42
N ASP B 71 3.45 0.66 -21.63
CA ASP B 71 3.33 1.50 -22.80
C ASP B 71 1.93 2.10 -22.89
N LYS B 72 0.94 1.35 -22.42
CA LYS B 72 -0.44 1.85 -22.39
C LYS B 72 -0.50 3.07 -21.48
N ARG B 73 0.16 2.97 -20.34
CA ARG B 73 0.19 4.06 -19.37
C ARG B 73 0.90 5.30 -19.91
N SER B 74 2.00 5.09 -20.61
CA SER B 74 2.72 6.18 -21.23
C SER B 74 1.84 6.88 -22.26
N LEU B 75 1.11 6.08 -23.04
CA LEU B 75 0.22 6.61 -24.06
C LEU B 75 -1.04 7.20 -23.44
N LYS B 76 -1.49 6.62 -22.33
CA LYS B 76 -2.65 7.12 -21.61
C LYS B 76 -2.39 8.55 -21.14
N ALA B 77 -1.20 8.78 -20.59
CA ALA B 77 -0.81 10.08 -20.06
C ALA B 77 -0.58 11.12 -21.14
N ALA B 78 0.05 10.67 -22.23
CA ALA B 78 0.36 11.56 -23.34
C ALA B 78 -0.90 12.18 -23.92
N PHE B 79 -1.91 11.35 -24.15
CA PHE B 79 -3.18 11.86 -24.67
C PHE B 79 -3.98 12.54 -23.58
N TYR B 80 -3.91 12.01 -22.36
CA TYR B 80 -4.58 12.62 -21.22
C TYR B 80 -4.20 14.09 -21.10
N THR B 81 -2.93 14.41 -21.36
CA THR B 81 -2.51 15.80 -21.46
C THR B 81 -3.38 16.49 -22.51
N ALA B 82 -3.31 16.04 -23.76
CA ALA B 82 -4.10 16.58 -24.88
C ALA B 82 -5.59 16.80 -24.57
N ILE B 83 -6.19 15.87 -23.82
CA ILE B 83 -7.55 16.06 -23.34
C ILE B 83 -7.62 17.30 -22.45
N GLN B 84 -6.67 17.43 -21.52
CA GLN B 84 -6.55 18.62 -20.67
C GLN B 84 -5.90 19.80 -21.39
N ASP B 85 -5.28 19.53 -22.53
CA ASP B 85 -4.49 20.51 -23.29
C ASP B 85 -5.33 21.16 -24.39
N ASP B 86 -6.64 21.26 -24.16
CA ASP B 86 -7.60 21.91 -25.07
C ASP B 86 -7.67 21.33 -26.51
N CYS B 87 -6.90 20.30 -26.82
CA CYS B 87 -7.10 19.55 -28.07
C CYS B 87 -8.30 18.60 -27.89
N ILE B 88 -8.87 18.11 -28.99
CA ILE B 88 -10.08 17.26 -28.97
C ILE B 88 -9.98 16.11 -27.95
N ARG B 89 -11.00 16.00 -27.10
CA ARG B 89 -10.90 15.18 -25.88
C ARG B 89 -11.81 13.96 -25.77
N LYS B 90 -11.17 12.80 -25.70
CA LYS B 90 -11.76 11.53 -25.28
C LYS B 90 -10.60 10.53 -25.33
N ASN B 91 -10.31 9.88 -24.19
CA ASN B 91 -9.12 9.02 -24.09
C ASN B 91 -9.38 7.56 -24.44
N PRO B 92 -8.66 7.03 -25.45
CA PRO B 92 -8.80 5.65 -25.92
C PRO B 92 -7.98 4.65 -25.11
N PHE B 93 -7.06 5.16 -24.28
CA PHE B 93 -6.11 4.29 -23.60
C PHE B 93 -6.46 4.05 -22.14
N ASP B 94 -7.65 4.45 -21.74
CA ASP B 94 -8.11 4.17 -20.39
C ASP B 94 -8.99 2.93 -20.38
N PHE B 95 -8.35 1.77 -20.26
CA PHE B 95 -9.05 0.53 -20.05
C PHE B 95 -8.15 -0.40 -19.25
N GLN B 96 -8.63 -1.61 -19.00
CA GLN B 96 -7.80 -2.60 -18.34
C GLN B 96 -7.25 -3.56 -19.38
N LEU B 97 -5.93 -3.68 -19.43
CA LEU B 97 -5.28 -4.52 -20.41
C LEU B 97 -5.59 -6.00 -20.17
N SER B 98 -6.10 -6.31 -18.97
CA SER B 98 -6.45 -7.67 -18.60
C SER B 98 -7.59 -8.23 -19.44
N ASP B 99 -8.43 -7.34 -19.95
CA ASP B 99 -9.55 -7.74 -20.80
C ASP B 99 -9.06 -8.12 -22.20
N VAL B 100 -8.20 -7.27 -22.78
CA VAL B 100 -7.65 -7.49 -24.10
C VAL B 100 -6.68 -8.68 -24.13
N LEU B 101 -5.69 -8.66 -23.24
CA LEU B 101 -4.65 -9.67 -23.24
C LEU B 101 -4.61 -10.45 -21.93
N ASP B 102 -4.03 -11.64 -21.98
CA ASP B 102 -3.79 -12.44 -20.78
C ASP B 102 -2.39 -12.19 -20.26
N ASP B 103 -2.27 -12.03 -18.94
CA ASP B 103 -0.98 -11.79 -18.32
C ASP B 103 -0.21 -13.11 -18.26
N ASP B 104 0.66 -13.31 -19.25
CA ASP B 104 1.50 -14.49 -19.30
C ASP B 104 2.87 -14.26 -18.68
N THR B 105 2.92 -13.31 -17.74
CA THR B 105 4.16 -13.04 -17.01
C THR B 105 4.58 -14.28 -16.21
N GLU B 106 5.52 -15.03 -16.79
CA GLU B 106 6.16 -16.16 -16.14
C GLU B 106 6.90 -15.66 -14.89
N PRO B 107 6.45 -16.09 -13.70
CA PRO B 107 6.99 -15.54 -12.44
C PRO B 107 8.47 -15.83 -12.24
N LYS B 108 9.11 -15.06 -11.36
CA LYS B 108 10.51 -15.27 -11.02
C LYS B 108 10.59 -16.05 -9.71
N VAL B 109 11.13 -17.26 -9.76
CA VAL B 109 11.23 -18.09 -8.55
C VAL B 109 12.59 -17.93 -7.88
N PRO B 110 12.59 -17.58 -6.59
CA PRO B 110 13.83 -17.40 -5.85
C PRO B 110 14.52 -18.73 -5.59
N LEU B 111 15.76 -18.67 -5.13
CA LEU B 111 16.51 -19.87 -4.84
C LEU B 111 16.18 -20.39 -3.45
N THR B 112 16.36 -21.69 -3.26
CA THR B 112 16.10 -22.30 -1.97
C THR B 112 17.43 -22.39 -1.20
N PRO B 113 17.36 -22.43 0.13
CA PRO B 113 18.53 -22.44 1.05
C PRO B 113 19.70 -23.34 0.61
N ALA B 114 19.41 -24.46 -0.03
CA ALA B 114 20.47 -25.35 -0.49
C ALA B 114 20.76 -25.11 -1.96
N GLN B 115 19.79 -24.56 -2.67
CA GLN B 115 19.95 -24.23 -4.08
C GLN B 115 21.03 -23.17 -4.22
N GLU B 116 20.98 -22.19 -3.33
CA GLU B 116 21.98 -21.13 -3.30
C GLU B 116 23.28 -21.66 -2.71
N GLU B 117 23.18 -22.64 -1.83
CA GLU B 117 24.37 -23.21 -1.23
C GLU B 117 25.17 -24.00 -2.26
N SER B 118 24.48 -24.75 -3.10
CA SER B 118 25.12 -25.48 -4.19
C SER B 118 25.77 -24.51 -5.17
N PHE B 119 25.13 -23.35 -5.32
CA PHE B 119 25.63 -22.29 -6.17
C PHE B 119 26.93 -21.72 -5.63
N LEU B 120 26.88 -21.28 -4.38
CA LEU B 120 28.03 -20.65 -3.73
C LEU B 120 29.22 -21.61 -3.64
N SER B 121 28.94 -22.86 -3.32
CA SER B 121 29.99 -23.87 -3.22
C SER B 121 30.66 -24.11 -4.58
N PHE B 122 29.87 -24.06 -5.63
CA PHE B 122 30.40 -24.19 -6.98
C PHE B 122 31.34 -23.03 -7.29
N ILE B 123 30.89 -21.81 -7.01
CA ILE B 123 31.65 -20.60 -7.27
C ILE B 123 32.93 -20.54 -6.46
N GLN B 124 32.80 -20.84 -5.17
CA GLN B 124 33.89 -20.71 -4.20
C GLN B 124 35.17 -21.36 -4.69
N GLY B 125 35.04 -22.50 -5.36
CA GLY B 125 36.19 -23.26 -5.81
C GLY B 125 36.42 -23.23 -7.30
N ASP B 126 35.67 -22.39 -8.02
CA ASP B 126 35.85 -22.28 -9.46
C ASP B 126 36.71 -21.09 -9.83
N LYS B 127 37.99 -21.36 -10.09
CA LYS B 127 39.02 -20.34 -10.25
C LYS B 127 38.61 -19.15 -11.13
N VAL B 128 37.83 -19.41 -12.18
CA VAL B 128 37.41 -18.33 -13.09
C VAL B 128 36.48 -17.33 -12.43
N TYR B 129 35.45 -17.84 -11.75
CA TYR B 129 34.44 -16.97 -11.15
C TYR B 129 34.59 -16.94 -9.63
N GLN B 130 35.64 -17.58 -9.15
CA GLN B 130 36.02 -17.55 -7.75
C GLN B 130 36.15 -16.12 -7.23
N LYS B 131 36.69 -15.25 -8.07
CA LYS B 131 36.92 -13.85 -7.70
C LYS B 131 35.63 -13.14 -7.30
N HIS B 132 34.54 -13.51 -7.95
CA HIS B 132 33.27 -12.79 -7.75
C HIS B 132 32.47 -13.34 -6.59
N TYR B 133 33.04 -14.31 -5.88
CA TYR B 133 32.37 -14.95 -4.75
C TYR B 133 31.89 -13.95 -3.70
N ASP B 134 32.80 -13.09 -3.26
CA ASP B 134 32.51 -12.17 -2.16
C ASP B 134 31.47 -11.12 -2.51
N ALA B 135 31.38 -10.78 -3.79
CA ALA B 135 30.36 -9.85 -4.26
C ALA B 135 28.98 -10.49 -4.17
N ILE B 136 28.93 -11.78 -4.49
CA ILE B 136 27.67 -12.51 -4.51
C ILE B 136 27.12 -12.71 -3.10
N VAL B 137 28.02 -13.05 -2.18
CA VAL B 137 27.66 -13.18 -0.78
C VAL B 137 27.04 -11.90 -0.26
N ILE B 138 27.61 -10.78 -0.66
CA ILE B 138 27.11 -9.47 -0.26
C ILE B 138 25.71 -9.24 -0.80
N LEU B 139 25.48 -9.63 -2.05
CA LEU B 139 24.16 -9.48 -2.67
C LEU B 139 23.08 -10.24 -1.91
N LEU B 140 23.47 -11.36 -1.32
CA LEU B 140 22.55 -12.22 -0.58
C LEU B 140 22.45 -11.84 0.88
N GLY B 141 23.19 -10.81 1.27
CA GLY B 141 23.21 -10.38 2.66
C GLY B 141 22.89 -8.91 2.79
N THR B 142 22.47 -8.29 1.68
CA THR B 142 22.16 -6.86 1.65
C THR B 142 20.90 -6.54 0.84
N GLY B 143 20.69 -7.29 -0.25
CA GLY B 143 19.57 -7.04 -1.12
C GLY B 143 19.75 -5.76 -1.91
N LEU B 144 21.01 -5.43 -2.16
CA LEU B 144 21.36 -4.26 -2.96
C LEU B 144 20.94 -4.43 -4.40
N ARG B 145 20.55 -3.31 -5.02
CA ARG B 145 20.40 -3.29 -6.47
C ARG B 145 21.79 -3.39 -7.07
N ILE B 146 21.89 -3.87 -8.30
CA ILE B 146 23.19 -4.15 -8.88
C ILE B 146 24.04 -2.89 -9.02
N SER B 147 23.40 -1.76 -9.31
CA SER B 147 24.13 -0.51 -9.48
C SER B 147 24.46 0.12 -8.14
N GLU B 148 23.75 -0.28 -7.10
CA GLU B 148 24.02 0.20 -5.76
C GLU B 148 25.28 -0.49 -5.22
N LEU B 149 25.45 -1.77 -5.56
CA LEU B 149 26.67 -2.48 -5.22
C LEU B 149 27.84 -1.91 -6.02
N CYS B 150 27.59 -1.66 -7.29
CA CYS B 150 28.59 -1.08 -8.18
C CYS B 150 29.06 0.27 -7.69
N GLY B 151 28.12 1.02 -7.12
CA GLY B 151 28.37 2.39 -6.72
C GLY B 151 29.03 2.53 -5.36
N LEU B 152 29.21 1.42 -4.66
CA LEU B 152 29.86 1.44 -3.36
C LEU B 152 31.31 1.91 -3.44
N THR B 153 31.55 3.16 -3.04
CA THR B 153 32.91 3.67 -2.90
C THR B 153 33.41 3.38 -1.50
N ASP B 154 34.72 3.47 -1.30
CA ASP B 154 35.35 3.13 -0.02
C ASP B 154 34.85 4.00 1.14
N LYS B 155 34.30 5.16 0.83
CA LYS B 155 33.79 6.06 1.86
C LYS B 155 32.42 5.61 2.37
N ASP B 156 31.79 4.69 1.66
CA ASP B 156 30.43 4.27 1.97
C ASP B 156 30.34 3.06 2.89
N LEU B 157 31.47 2.66 3.45
CA LEU B 157 31.49 1.52 4.36
C LEU B 157 31.98 1.90 5.75
N ASP B 158 31.29 1.41 6.76
CA ASP B 158 31.70 1.61 8.14
C ASP B 158 31.89 0.25 8.80
N PHE B 159 33.13 -0.18 8.96
CA PHE B 159 33.41 -1.50 9.52
C PHE B 159 33.36 -1.49 11.04
N GLU B 160 33.34 -0.29 11.61
CA GLU B 160 33.23 -0.14 13.06
C GLU B 160 31.84 -0.54 13.53
N ASN B 161 30.83 0.14 13.01
CA ASN B 161 29.44 -0.17 13.30
C ASN B 161 28.92 -1.34 12.47
N ARG B 162 29.74 -1.78 11.53
CA ARG B 162 29.38 -2.83 10.57
C ARG B 162 28.07 -2.49 9.88
N VAL B 163 28.09 -1.44 9.08
CA VAL B 163 26.91 -0.90 8.44
C VAL B 163 27.25 -0.38 7.04
N ILE B 164 26.40 -0.66 6.06
CA ILE B 164 26.55 -0.10 4.74
C ILE B 164 25.69 1.14 4.58
N ILE B 165 26.28 2.23 4.11
CA ILE B 165 25.53 3.43 3.81
C ILE B 165 25.28 3.53 2.31
N VAL B 166 24.04 3.24 1.92
CA VAL B 166 23.66 3.25 0.52
C VAL B 166 23.04 4.58 0.16
N SER B 167 23.83 5.47 -0.42
CA SER B 167 23.39 6.84 -0.67
C SER B 167 23.29 7.16 -2.16
N HIS B 168 23.70 6.21 -3.01
CA HIS B 168 23.75 6.46 -4.44
C HIS B 168 23.97 5.19 -5.23
N GLN B 169 24.10 5.35 -6.56
CA GLN B 169 24.41 4.25 -7.44
C GLN B 169 25.29 4.72 -8.62
N LEU B 170 26.03 3.78 -9.18
CA LEU B 170 26.87 4.05 -10.34
C LEU B 170 26.28 3.43 -11.59
N LEU B 171 25.73 4.27 -12.46
CA LEU B 171 25.12 3.79 -13.71
C LEU B 171 26.04 4.06 -14.89
N ARG B 172 25.99 3.18 -15.89
CA ARG B 172 26.64 3.43 -17.17
C ARG B 172 25.74 3.03 -18.33
N ASN B 173 25.59 3.93 -19.29
CA ASN B 173 24.87 3.65 -20.52
C ASN B 173 25.67 4.07 -21.74
N THR B 174 25.38 3.47 -22.88
CA THR B 174 26.09 3.76 -24.12
C THR B 174 25.94 5.23 -24.48
N GLY B 175 27.06 5.95 -24.49
CA GLY B 175 27.07 7.35 -24.89
C GLY B 175 27.58 8.32 -23.83
N VAL B 176 27.13 8.14 -22.59
CA VAL B 176 27.49 9.04 -21.49
C VAL B 176 28.57 8.44 -20.61
N GLY B 177 28.80 7.15 -20.79
CA GLY B 177 29.72 6.42 -19.93
C GLY B 177 29.17 6.30 -18.53
N TYR B 178 30.05 6.22 -17.54
CA TYR B 178 29.62 6.18 -16.16
C TYR B 178 28.95 7.49 -15.77
N TYR B 179 28.04 7.40 -14.81
CA TYR B 179 27.46 8.59 -14.20
C TYR B 179 26.85 8.24 -12.85
N ILE B 180 26.60 9.26 -12.03
CA ILE B 180 26.11 9.04 -10.67
C ILE B 180 24.66 9.44 -10.53
N ASP B 181 23.89 8.60 -9.86
CA ASP B 181 22.51 8.92 -9.54
C ASP B 181 22.19 8.62 -8.10
N GLU B 182 21.26 9.38 -7.54
CA GLU B 182 20.66 9.05 -6.26
C GLU B 182 19.95 7.72 -6.46
N PRO B 183 19.82 6.92 -5.39
CA PRO B 183 19.25 5.58 -5.54
C PRO B 183 17.82 5.61 -6.09
N LYS B 184 17.38 4.52 -6.70
CA LYS B 184 16.00 4.43 -7.17
C LYS B 184 15.07 4.45 -5.95
N THR B 185 15.66 4.25 -4.77
CA THR B 185 15.02 4.61 -3.52
C THR B 185 14.98 6.13 -3.46
N GLN B 186 14.11 6.73 -4.26
CA GLN B 186 14.06 8.19 -4.36
C GLN B 186 13.42 8.76 -3.11
N SER B 187 12.92 7.87 -2.26
CA SER B 187 12.40 8.27 -0.96
C SER B 187 13.53 8.78 -0.07
N GLY B 188 14.75 8.31 -0.33
CA GLY B 188 15.92 8.82 0.39
C GLY B 188 17.12 7.89 0.47
N VAL B 189 17.76 7.90 1.64
CA VAL B 189 18.98 7.15 1.88
C VAL B 189 18.75 6.10 2.98
N ARG B 190 19.52 5.02 2.97
CA ARG B 190 19.37 3.99 4.00
C ARG B 190 20.70 3.38 4.43
N LYS B 191 20.73 2.90 5.67
CA LYS B 191 21.88 2.16 6.17
C LYS B 191 21.53 0.68 6.30
N ILE B 192 22.42 -0.18 5.84
CA ILE B 192 22.19 -1.61 5.95
C ILE B 192 23.29 -2.25 6.77
N PRO B 193 22.92 -2.86 7.90
CA PRO B 193 23.91 -3.51 8.76
C PRO B 193 24.56 -4.73 8.10
N MET B 194 25.69 -5.16 8.66
CA MET B 194 26.45 -6.28 8.14
C MET B 194 26.38 -7.48 9.07
N ASN B 195 25.91 -8.62 8.59
CA ASN B 195 26.09 -9.86 9.33
C ASN B 195 27.58 -10.19 9.27
N GLU B 196 28.03 -11.18 10.04
CA GLU B 196 29.46 -11.50 10.14
C GLU B 196 30.06 -11.90 8.79
N GLU B 197 29.24 -12.55 7.95
CA GLU B 197 29.73 -13.16 6.72
C GLU B 197 29.95 -12.15 5.60
N VAL B 198 29.06 -11.18 5.46
CA VAL B 198 29.27 -10.11 4.49
C VAL B 198 30.42 -9.22 4.96
N TYR B 199 30.56 -9.10 6.28
CA TYR B 199 31.68 -8.38 6.88
C TYR B 199 33.00 -8.98 6.41
N GLN B 200 33.18 -10.28 6.64
CA GLN B 200 34.36 -10.99 6.16
C GLN B 200 34.55 -10.86 4.66
N ALA B 201 33.43 -10.85 3.93
CA ALA B 201 33.47 -10.70 2.48
C ALA B 201 33.99 -9.33 2.08
N PHE B 202 33.52 -8.28 2.76
CA PHE B 202 33.94 -6.92 2.47
C PHE B 202 35.42 -6.70 2.74
N GLN B 203 35.94 -7.38 3.76
CA GLN B 203 37.36 -7.27 4.08
C GLN B 203 38.19 -7.79 2.91
N ARG B 204 37.83 -8.98 2.43
CA ARG B 204 38.59 -9.63 1.38
C ARG B 204 38.53 -8.86 0.06
N VAL B 205 37.40 -8.23 -0.22
CA VAL B 205 37.23 -7.43 -1.43
C VAL B 205 38.29 -6.34 -1.51
N ILE B 206 38.37 -5.54 -0.45
CA ILE B 206 39.29 -4.43 -0.39
C ILE B 206 40.73 -4.90 -0.50
N LYS B 207 41.03 -5.99 0.18
CA LYS B 207 42.36 -6.58 0.15
C LYS B 207 42.72 -7.06 -1.25
N ASN B 208 41.72 -7.56 -1.97
CA ASN B 208 41.95 -8.11 -3.30
C ASN B 208 41.80 -7.08 -4.40
N ARG B 209 41.44 -5.86 -4.03
CA ARG B 209 41.36 -4.76 -4.99
C ARG B 209 42.75 -4.48 -5.54
N LYS B 210 42.84 -4.31 -6.85
CA LYS B 210 44.14 -4.11 -7.51
C LYS B 210 43.99 -3.45 -8.86
N GLY B 211 44.99 -2.66 -9.24
CA GLY B 211 45.05 -2.05 -10.56
C GLY B 211 43.92 -1.09 -10.85
N ALA B 212 43.61 -0.22 -9.89
CA ALA B 212 42.53 0.74 -10.05
C ALA B 212 42.98 1.97 -10.83
N LYS B 213 42.43 2.14 -12.03
CA LYS B 213 42.74 3.32 -12.85
C LYS B 213 42.14 4.59 -12.24
N PRO B 214 42.72 5.76 -12.57
CA PRO B 214 42.16 7.03 -12.12
C PRO B 214 40.71 7.18 -12.55
N PHE B 215 39.82 7.38 -11.58
CA PHE B 215 38.40 7.41 -11.84
C PHE B 215 37.64 8.09 -10.72
N ILE B 216 37.25 9.33 -10.95
CA ILE B 216 36.37 10.02 -10.02
C ILE B 216 35.22 10.67 -10.77
N ILE B 217 34.00 10.44 -10.31
CA ILE B 217 32.82 10.96 -10.98
C ILE B 217 31.80 11.47 -9.97
N ASP B 218 31.35 12.71 -10.18
CA ASP B 218 30.45 13.40 -9.26
C ASP B 218 30.95 13.38 -7.82
N GLY B 219 32.26 13.41 -7.65
CA GLY B 219 32.86 13.44 -6.32
C GLY B 219 33.15 12.06 -5.76
N TYR B 220 32.68 11.03 -6.43
CA TYR B 220 32.86 9.66 -5.97
C TYR B 220 34.07 9.02 -6.66
N ALA B 221 34.94 8.37 -5.88
CA ALA B 221 36.24 7.96 -6.42
C ALA B 221 36.64 6.51 -6.14
N ASN B 222 36.74 6.13 -4.87
CA ASN B 222 37.36 4.87 -4.52
C ASN B 222 36.41 3.68 -4.45
N PHE B 223 36.14 3.09 -5.61
CA PHE B 223 35.21 1.97 -5.70
C PHE B 223 35.87 0.64 -5.36
N LEU B 224 35.06 -0.31 -4.90
CA LEU B 224 35.57 -1.62 -4.49
C LEU B 224 35.50 -2.64 -5.61
N PHE B 225 34.45 -2.58 -6.40
CA PHE B 225 34.19 -3.59 -7.41
C PHE B 225 34.54 -3.08 -8.80
N LEU B 226 35.68 -3.55 -9.30
CA LEU B 226 36.21 -3.07 -10.57
C LEU B 226 36.25 -4.16 -11.62
N LYS B 227 36.16 -3.76 -12.88
CA LYS B 227 36.26 -4.69 -13.99
C LYS B 227 37.70 -5.14 -14.17
N GLN B 228 37.96 -5.90 -15.23
CA GLN B 228 39.30 -6.29 -15.59
C GLN B 228 40.07 -5.07 -16.09
N ASN B 229 39.33 -4.08 -16.57
CA ASN B 229 39.89 -2.81 -17.01
C ASN B 229 40.62 -2.08 -15.90
N GLY B 230 40.15 -2.25 -14.67
CA GLY B 230 40.60 -1.44 -13.56
C GLY B 230 39.56 -0.36 -13.34
N TYR B 231 38.52 -0.39 -14.17
CA TYR B 231 37.36 0.50 -14.01
C TYR B 231 36.23 -0.24 -13.30
N PRO B 232 35.36 0.50 -12.58
CA PRO B 232 34.32 -0.15 -11.77
C PRO B 232 33.33 -0.99 -12.58
N MET B 233 32.72 -1.96 -11.92
CA MET B 233 31.74 -2.83 -12.55
C MET B 233 30.45 -2.10 -12.84
N THR B 234 29.71 -2.56 -13.85
CA THR B 234 28.40 -2.00 -14.15
C THR B 234 27.34 -3.07 -14.04
N ALA B 235 26.12 -2.72 -14.44
CA ALA B 235 25.01 -3.66 -14.39
C ALA B 235 25.19 -4.76 -15.43
N VAL B 236 25.47 -4.36 -16.67
CA VAL B 236 25.57 -5.30 -17.78
C VAL B 236 26.79 -6.20 -17.63
N ASP B 237 27.86 -5.66 -17.04
CA ASP B 237 29.09 -6.42 -16.82
C ASP B 237 28.85 -7.58 -15.85
N TYR B 238 28.22 -7.28 -14.71
CA TYR B 238 27.91 -8.32 -13.73
C TYR B 238 26.78 -9.22 -14.22
N GLY B 239 25.91 -8.67 -15.05
CA GLY B 239 24.83 -9.46 -15.63
C GLY B 239 25.39 -10.58 -16.50
N GLY B 240 26.07 -10.20 -17.58
CA GLY B 240 26.66 -11.14 -18.50
C GLY B 240 27.65 -12.09 -17.83
N MET B 241 28.27 -11.61 -16.75
CA MET B 241 29.14 -12.44 -15.92
C MET B 241 28.34 -13.58 -15.31
N PHE B 242 27.15 -13.26 -14.82
CA PHE B 242 26.27 -14.26 -14.22
C PHE B 242 25.81 -15.27 -15.26
N GLY B 243 25.46 -14.79 -16.46
CA GLY B 243 24.99 -15.65 -17.53
C GLY B 243 25.97 -16.74 -17.90
N ARG B 244 27.25 -16.43 -17.80
CA ARG B 244 28.28 -17.42 -18.08
C ARG B 244 28.43 -18.38 -16.90
N LEU B 245 28.37 -17.82 -15.69
CA LEU B 245 28.58 -18.60 -14.47
C LEU B 245 27.48 -19.63 -14.24
N VAL B 246 26.22 -19.20 -14.34
CA VAL B 246 25.12 -20.11 -14.09
C VAL B 246 25.06 -21.17 -15.19
N LYS B 247 25.46 -20.77 -16.39
CA LYS B 247 25.60 -21.72 -17.49
C LYS B 247 26.69 -22.72 -17.13
N LYS B 248 27.77 -22.22 -16.55
CA LYS B 248 28.87 -23.07 -16.10
C LYS B 248 28.39 -24.03 -15.01
N TYR B 249 27.49 -23.54 -14.17
CA TYR B 249 26.89 -24.36 -13.13
C TYR B 249 26.01 -25.43 -13.74
N ASN B 250 25.16 -25.01 -14.67
CA ASN B 250 24.18 -25.89 -15.31
C ASN B 250 24.77 -27.13 -15.96
N LYS B 251 26.01 -27.02 -16.41
CA LYS B 251 26.67 -28.10 -17.13
C LYS B 251 27.05 -29.24 -16.20
N SER B 252 27.43 -28.91 -14.97
CA SER B 252 27.91 -29.90 -14.02
C SER B 252 26.86 -30.30 -12.99
N HIS B 253 25.73 -29.60 -13.01
CA HIS B 253 24.68 -29.85 -12.02
C HIS B 253 23.37 -30.26 -12.69
N GLU B 254 22.78 -31.32 -12.14
CA GLU B 254 21.57 -31.93 -12.71
C GLU B 254 20.40 -30.97 -12.81
N GLU B 255 19.92 -30.51 -11.65
CA GLU B 255 18.84 -29.54 -11.62
C GLU B 255 19.39 -28.15 -11.85
N ALA B 256 18.88 -27.48 -12.88
CA ALA B 256 19.34 -26.14 -13.21
C ALA B 256 18.87 -25.13 -12.18
N LEU B 257 19.57 -24.00 -12.10
CA LEU B 257 19.16 -22.89 -11.26
C LEU B 257 17.91 -22.23 -11.84
N PRO B 258 17.12 -21.50 -11.01
CA PRO B 258 15.91 -20.84 -11.51
C PRO B 258 16.13 -20.08 -12.81
N LYS B 259 15.13 -20.05 -13.68
CA LYS B 259 15.29 -19.56 -15.05
C LYS B 259 15.93 -18.18 -15.13
N THR B 260 15.60 -17.31 -14.19
CA THR B 260 16.19 -15.98 -14.16
C THR B 260 17.04 -15.82 -12.90
N THR B 261 18.14 -16.57 -12.85
CA THR B 261 19.09 -16.43 -11.75
C THR B 261 20.10 -15.36 -12.14
N THR B 262 19.76 -14.13 -11.78
CA THR B 262 20.53 -12.96 -12.14
C THR B 262 20.92 -12.25 -10.84
N PRO B 263 21.80 -11.24 -10.90
CA PRO B 263 22.08 -10.48 -9.68
C PRO B 263 20.79 -10.00 -9.01
N HIS B 264 19.86 -9.54 -9.84
CA HIS B 264 18.52 -9.13 -9.43
C HIS B 264 17.79 -10.23 -8.62
N ALA B 265 18.03 -11.48 -8.97
CA ALA B 265 17.41 -12.59 -8.27
C ALA B 265 17.96 -12.75 -6.86
N MET B 266 19.22 -12.37 -6.68
CA MET B 266 19.86 -12.41 -5.37
C MET B 266 19.12 -11.49 -4.41
N ARG B 267 18.80 -10.30 -4.90
CA ARG B 267 18.02 -9.33 -4.14
C ARG B 267 16.66 -9.91 -3.81
N HIS B 268 16.02 -10.50 -4.81
CA HIS B 268 14.72 -11.15 -4.63
C HIS B 268 14.77 -12.22 -3.53
N THR B 269 15.78 -13.08 -3.58
CA THR B 269 15.95 -14.15 -2.60
C THR B 269 16.08 -13.60 -1.19
N PHE B 270 16.98 -12.63 -1.02
CA PHE B 270 17.21 -11.98 0.26
C PHE B 270 15.91 -11.50 0.89
N CYS B 271 15.13 -10.77 0.11
CA CYS B 271 13.87 -10.21 0.59
C CYS B 271 12.87 -11.30 0.95
N THR B 272 12.74 -12.27 0.06
CA THR B 272 11.82 -13.39 0.25
C THR B 272 12.14 -14.15 1.53
N ARG B 273 13.42 -14.39 1.79
CA ARG B 273 13.85 -15.06 3.01
C ARG B 273 13.35 -14.32 4.24
N LEU B 274 13.60 -13.02 4.29
CA LEU B 274 13.26 -12.20 5.45
C LEU B 274 11.75 -12.05 5.62
N ALA B 275 11.05 -11.83 4.52
CA ALA B 275 9.60 -11.69 4.54
C ALA B 275 8.95 -12.96 5.06
N ASN B 276 9.47 -14.10 4.62
CA ASN B 276 8.97 -15.39 5.06
C ASN B 276 9.51 -15.80 6.43
N ALA B 277 10.38 -14.95 6.99
CA ALA B 277 10.95 -15.21 8.30
C ALA B 277 10.19 -14.45 9.38
N GLY B 278 9.24 -13.62 8.98
CA GLY B 278 8.44 -12.88 9.91
C GLY B 278 9.00 -11.52 10.25
N MET B 279 9.73 -10.93 9.29
CA MET B 279 10.27 -9.59 9.49
C MET B 279 9.17 -8.55 9.38
N ASN B 280 9.22 -7.56 10.26
CA ASN B 280 8.34 -6.41 10.19
C ASN B 280 8.33 -5.84 8.77
N PRO B 281 7.15 -5.74 8.18
CA PRO B 281 6.98 -5.31 6.78
C PRO B 281 7.56 -3.91 6.52
N LYS B 282 7.50 -3.03 7.52
CA LYS B 282 8.05 -1.69 7.36
C LYS B 282 9.54 -1.66 7.67
N ALA B 283 10.01 -2.66 8.42
CA ALA B 283 11.44 -2.81 8.65
C ALA B 283 12.12 -3.30 7.39
N LEU B 284 11.47 -4.25 6.72
CA LEU B 284 11.99 -4.81 5.50
C LEU B 284 11.93 -3.79 4.37
N GLN B 285 10.94 -2.92 4.41
CA GLN B 285 10.78 -1.88 3.39
C GLN B 285 11.96 -0.91 3.42
N TYR B 286 12.34 -0.48 4.61
CA TYR B 286 13.47 0.41 4.79
C TYR B 286 14.76 -0.23 4.29
N ILE B 287 14.97 -1.49 4.69
CA ILE B 287 16.16 -2.24 4.30
C ILE B 287 16.26 -2.45 2.78
N MET B 288 15.14 -2.75 2.14
CA MET B 288 15.14 -2.97 0.71
C MET B 288 15.11 -1.66 -0.05
N GLY B 289 14.94 -0.55 0.67
CA GLY B 289 14.85 0.75 0.06
C GLY B 289 13.63 0.87 -0.84
N HIS B 290 12.54 0.22 -0.43
CA HIS B 290 11.33 0.25 -1.21
C HIS B 290 10.58 1.56 -1.00
N SER B 291 10.42 2.31 -2.08
CA SER B 291 9.72 3.58 -2.03
C SER B 291 8.24 3.38 -1.69
N ASN B 292 7.70 2.22 -2.06
CA ASN B 292 6.29 1.91 -1.79
C ASN B 292 6.17 0.69 -0.89
N ILE B 293 5.31 0.79 0.12
CA ILE B 293 5.11 -0.31 1.06
C ILE B 293 4.36 -1.46 0.37
N THR B 294 3.59 -1.14 -0.67
CA THR B 294 2.86 -2.17 -1.40
C THR B 294 3.83 -3.14 -2.04
N MET B 295 4.95 -2.61 -2.52
CA MET B 295 5.99 -3.42 -3.17
C MET B 295 6.55 -4.43 -2.19
N THR B 296 6.73 -4.00 -0.94
CA THR B 296 7.31 -4.85 0.08
C THR B 296 6.35 -5.98 0.42
N LEU B 297 5.07 -5.68 0.37
CA LEU B 297 4.05 -6.66 0.75
C LEU B 297 3.92 -7.80 -0.25
N ASN B 298 4.29 -7.54 -1.50
CA ASN B 298 4.19 -8.55 -2.53
C ASN B 298 5.09 -9.74 -2.25
N PHE B 299 5.99 -9.59 -1.29
CA PHE B 299 6.89 -10.66 -0.88
C PHE B 299 6.29 -11.44 0.28
N TYR B 300 5.10 -11.01 0.71
CA TYR B 300 4.34 -11.75 1.71
C TYR B 300 3.24 -12.55 1.02
N ALA B 301 3.01 -13.76 1.50
CA ALA B 301 2.10 -14.69 0.84
C ALA B 301 0.64 -14.27 0.96
N HIS B 302 -0.14 -14.63 -0.05
CA HIS B 302 -1.59 -14.41 -0.01
C HIS B 302 -2.16 -15.09 1.23
N ALA B 303 -3.04 -14.39 1.94
CA ALA B 303 -3.60 -14.92 3.18
C ALA B 303 -4.96 -15.56 2.97
N THR B 304 -5.25 -16.59 3.77
CA THR B 304 -6.55 -17.25 3.77
C THR B 304 -7.13 -17.24 5.18
N PHE B 305 -8.34 -17.74 5.34
CA PHE B 305 -8.95 -17.85 6.66
C PHE B 305 -8.11 -18.74 7.56
N ASP B 306 -7.70 -19.89 7.02
CA ASP B 306 -6.91 -20.84 7.77
C ASP B 306 -5.59 -20.23 8.23
N SER B 307 -4.90 -19.54 7.33
CA SER B 307 -3.60 -18.94 7.65
C SER B 307 -3.77 -17.84 8.69
N ALA B 308 -4.80 -17.03 8.52
CA ALA B 308 -5.10 -15.96 9.46
C ALA B 308 -5.47 -16.53 10.82
N ARG B 309 -6.34 -17.53 10.81
CA ARG B 309 -6.79 -18.22 12.02
C ARG B 309 -5.64 -18.90 12.75
N ALA B 310 -4.83 -19.64 12.00
CA ALA B 310 -3.67 -20.32 12.55
C ALA B 310 -2.73 -19.30 13.19
N GLU B 311 -2.58 -18.15 12.52
CA GLU B 311 -1.79 -17.07 13.05
C GLU B 311 -2.39 -16.53 14.34
N MET B 312 -3.71 -16.41 14.35
CA MET B 312 -4.41 -15.85 15.50
C MET B 312 -4.24 -16.71 16.74
N GLU B 313 -4.12 -18.02 16.54
CA GLU B 313 -3.90 -18.92 17.67
C GLU B 313 -2.44 -18.90 18.10
N ARG B 314 -1.56 -18.67 17.13
CA ARG B 314 -0.13 -18.57 17.41
C ARG B 314 0.16 -17.47 18.43
N LEU B 315 -0.48 -16.32 18.24
CA LEU B 315 -0.32 -15.19 19.13
C LEU B 315 -1.15 -15.33 20.40
N ALA B 316 -2.21 -16.13 20.32
CA ALA B 316 -3.07 -16.37 21.48
C ALA B 316 -2.33 -17.20 22.52
N ALA B 317 -1.69 -18.28 22.06
CA ALA B 317 -0.93 -19.16 22.94
C ALA B 317 0.13 -19.92 22.14
#